data_3KN1
#
_entry.id   3KN1
#
_cell.length_a   174.369
_cell.length_b   174.369
_cell.length_c   174.369
_cell.angle_alpha   90.000
_cell.angle_beta   90.000
_cell.angle_gamma   90.000
#
_symmetry.space_group_name_H-M   'I 4 3 2'
#
loop_
_entity.id
_entity.type
_entity.pdbx_description
1 polymer 'Golgi phosphoprotein 3'
2 non-polymer 'SULFATE ION'
3 water water
#
_entity_poly.entity_id   1
_entity_poly.type   'polypeptide(L)'
_entity_poly.pdbx_seq_one_letter_code
;GSKGDSKETRLTL(MSE)EEVLLLGLKDREGYTSFWNDCISSGLRGC(MSE)LIELALRGRLQLEACG(MSE)RRKSLLT
RKVICKSDAPTGDVLLDEALKHVKETQPPETVQNWIELLSGETWNPLKLHYQLRNVRERLAKNLVEKGVLTTEKQNFLLF
D(MSE)TTHPLTNNNIKQRLIKKVQEAVLDKWVNDPHR(MSE)DRRLLALIYLAHASDVLENAFAPLLDEQYDLATKRVR
QLLDLDPEVECLKANTNEVLWAVVAAFTK
;
_entity_poly.pdbx_strand_id   A
#
# COMPACT_ATOMS: atom_id res chain seq x y z
N ARG A 10 -10.86 8.34 -8.01
CA ARG A 10 -10.67 7.60 -6.71
C ARG A 10 -9.63 6.48 -6.89
N LEU A 11 -8.57 6.53 -6.09
CA LEU A 11 -7.46 5.59 -6.20
C LEU A 11 -7.24 4.73 -4.97
N THR A 12 -7.00 3.47 -5.25
CA THR A 12 -6.59 2.52 -4.22
C THR A 12 -5.16 2.83 -3.73
N LEU A 13 -4.84 2.47 -2.50
CA LEU A 13 -3.48 2.65 -2.04
C LEU A 13 -2.43 1.93 -2.91
N GLU A 15 -2.66 1.66 -6.19
CA GLU A 15 -2.49 2.63 -7.24
C GLU A 15 -1.77 3.91 -6.78
N GLU A 16 -1.92 4.33 -5.53
CA GLU A 16 -1.21 5.53 -5.18
C GLU A 16 0.24 5.18 -4.94
N VAL A 17 0.53 4.06 -4.32
CA VAL A 17 1.94 3.75 -4.12
C VAL A 17 2.65 3.64 -5.48
N LEU A 18 2.10 2.79 -6.31
CA LEU A 18 2.58 2.60 -7.66
C LEU A 18 2.86 3.94 -8.37
N LEU A 19 1.85 4.83 -8.40
CA LEU A 19 2.02 6.18 -9.03
C LEU A 19 3.15 6.97 -8.42
N LEU A 20 3.32 6.92 -7.10
CA LEU A 20 4.43 7.62 -6.47
C LEU A 20 5.78 7.16 -7.02
N GLY A 21 5.84 5.90 -7.42
CA GLY A 21 7.08 5.32 -7.91
C GLY A 21 7.29 5.53 -9.39
N LEU A 22 6.30 6.11 -10.05
CA LEU A 22 6.46 6.47 -11.43
C LEU A 22 7.06 7.90 -11.53
N LYS A 23 8.29 7.99 -12.07
CA LYS A 23 9.07 9.25 -12.13
C LYS A 23 8.92 10.10 -13.41
N ASP A 24 9.01 9.51 -14.59
CA ASP A 24 8.84 10.27 -15.81
C ASP A 24 7.51 9.81 -16.34
N ARG A 25 7.25 10.11 -17.59
CA ARG A 25 6.02 9.73 -18.20
C ARG A 25 6.08 8.26 -18.61
N GLU A 26 7.20 7.85 -19.23
CA GLU A 26 7.28 6.52 -19.87
C GLU A 26 7.67 5.44 -18.89
N GLY A 27 8.34 5.87 -17.83
CA GLY A 27 8.63 5.02 -16.70
C GLY A 27 9.83 4.16 -16.93
N TYR A 28 10.66 4.52 -17.92
CA TYR A 28 11.86 3.75 -18.19
C TYR A 28 12.95 3.95 -17.15
N THR A 29 12.78 4.89 -16.25
CA THR A 29 13.76 4.97 -15.20
C THR A 29 13.11 4.71 -13.84
N SER A 30 11.95 4.03 -13.86
CA SER A 30 11.26 3.55 -12.64
C SER A 30 11.34 2.05 -12.61
N PHE A 31 11.61 1.47 -11.42
CA PHE A 31 11.86 0.03 -11.28
C PHE A 31 11.06 -0.70 -10.25
N TRP A 32 10.58 -1.88 -10.61
CA TRP A 32 9.96 -2.81 -9.67
C TRP A 32 11.05 -3.36 -8.79
N ASN A 33 10.67 -3.85 -7.63
CA ASN A 33 11.63 -4.49 -6.77
C ASN A 33 10.93 -5.17 -5.59
N ASP A 34 11.68 -5.71 -4.67
CA ASP A 34 11.08 -6.55 -3.68
C ASP A 34 10.41 -5.78 -2.55
N CYS A 35 10.70 -4.49 -2.47
CA CYS A 35 10.14 -3.73 -1.37
C CYS A 35 8.73 -3.37 -1.68
N ILE A 36 8.52 -2.88 -2.90
CA ILE A 36 7.24 -2.39 -3.36
C ILE A 36 6.24 -3.53 -3.63
N SER A 37 6.69 -4.68 -4.09
CA SER A 37 5.71 -5.74 -4.32
C SER A 37 5.26 -6.30 -3.00
N SER A 38 6.11 -6.19 -2.00
CA SER A 38 5.65 -6.48 -0.67
C SER A 38 4.78 -5.35 -0.20
N GLY A 39 5.25 -4.12 -0.44
CA GLY A 39 4.52 -2.89 -0.17
C GLY A 39 3.09 -3.00 -0.62
N LEU A 40 2.88 -3.41 -1.87
CA LEU A 40 1.53 -3.47 -2.39
C LEU A 40 0.63 -4.51 -1.71
N ARG A 41 1.22 -5.57 -1.19
CA ARG A 41 0.39 -6.53 -0.51
C ARG A 41 -0.03 -5.98 0.83
N GLY A 42 0.81 -5.13 1.43
CA GLY A 42 0.38 -4.42 2.62
C GLY A 42 -0.79 -3.53 2.27
N CYS A 43 -0.68 -2.80 1.16
CA CYS A 43 -1.72 -1.89 0.77
C CYS A 43 -3.05 -2.57 0.64
N LEU A 45 -4.19 -5.30 2.27
CA LEU A 45 -4.80 -5.62 3.54
C LEU A 45 -5.30 -4.36 4.16
N ILE A 46 -4.58 -3.26 4.04
CA ILE A 46 -5.13 -2.02 4.57
C ILE A 46 -6.42 -1.61 3.82
N GLU A 47 -6.43 -1.80 2.48
CA GLU A 47 -7.60 -1.44 1.72
C GLU A 47 -8.76 -2.25 2.22
N LEU A 48 -8.55 -3.58 2.36
CA LEU A 48 -9.62 -4.47 2.80
C LEU A 48 -10.08 -4.14 4.19
N ALA A 49 -9.17 -3.72 5.06
CA ALA A 49 -9.55 -3.36 6.41
C ALA A 49 -10.47 -2.14 6.40
N LEU A 50 -10.00 -1.07 5.80
CA LEU A 50 -10.73 0.18 5.82
C LEU A 50 -12.12 -0.03 5.26
N ARG A 51 -12.34 -1.05 4.46
CA ARG A 51 -13.65 -1.21 3.87
C ARG A 51 -14.51 -2.23 4.60
N GLY A 52 -14.13 -2.50 5.84
CA GLY A 52 -14.89 -3.35 6.74
C GLY A 52 -14.87 -4.77 6.26
N ARG A 53 -13.82 -5.15 5.52
CA ARG A 53 -13.71 -6.53 5.04
C ARG A 53 -12.93 -7.39 6.01
N LEU A 54 -11.95 -6.80 6.68
CA LEU A 54 -11.16 -7.58 7.62
C LEU A 54 -10.98 -6.83 8.94
N GLN A 55 -10.69 -7.59 9.99
CA GLN A 55 -10.49 -7.10 11.34
C GLN A 55 -9.45 -8.02 11.94
N LEU A 56 -8.83 -7.63 13.04
CA LEU A 56 -8.02 -8.58 13.77
C LEU A 56 -8.82 -9.28 14.86
N GLU A 57 -8.66 -10.59 15.00
CA GLU A 57 -9.21 -11.31 16.15
C GLU A 57 -8.98 -10.46 17.40
N ALA A 58 -9.93 -10.54 18.32
CA ALA A 58 -9.90 -9.76 19.53
C ALA A 58 -10.09 -10.61 20.79
N CYS A 59 -10.02 -11.92 20.68
CA CYS A 59 -10.43 -12.80 21.78
C CYS A 59 -9.42 -12.99 22.94
N GLY A 60 -8.15 -13.21 22.64
CA GLY A 60 -7.18 -13.34 23.73
C GLY A 60 -6.25 -12.13 23.90
N ARG A 62 -5.69 -9.64 25.52
CA ARG A 62 -5.12 -9.66 26.87
C ARG A 62 -3.56 -9.79 26.83
N ARG A 63 -3.05 -10.84 26.16
CA ARG A 63 -1.59 -11.07 26.10
C ARG A 63 -0.87 -10.76 24.74
N LYS A 64 -1.63 -10.64 23.63
CA LYS A 64 -1.08 -10.72 22.24
C LYS A 64 -0.73 -9.37 21.59
N SER A 65 0.20 -9.40 20.62
CA SER A 65 0.56 -8.22 19.79
C SER A 65 -0.30 -8.17 18.55
N LEU A 66 -0.17 -7.06 17.84
CA LEU A 66 -0.66 -6.92 16.49
C LEU A 66 -0.08 -7.99 15.58
N LEU A 67 1.21 -8.27 15.76
CA LEU A 67 1.95 -9.22 14.93
C LEU A 67 1.55 -10.66 15.17
N THR A 68 0.87 -10.90 16.27
CA THR A 68 0.54 -12.27 16.62
C THR A 68 -0.95 -12.59 16.53
N ARG A 69 -1.80 -11.55 16.43
CA ARG A 69 -3.25 -11.67 16.33
C ARG A 69 -3.68 -12.03 14.95
N LYS A 70 -4.78 -12.76 14.84
CA LYS A 70 -5.15 -13.38 13.56
C LYS A 70 -6.07 -12.51 12.74
N VAL A 71 -6.02 -12.65 11.43
CA VAL A 71 -6.82 -11.79 10.58
C VAL A 71 -8.14 -12.49 10.33
N ILE A 72 -9.23 -11.78 10.61
CA ILE A 72 -10.59 -12.27 10.38
C ILE A 72 -11.31 -11.53 9.26
N CYS A 73 -11.85 -12.31 8.34
CA CYS A 73 -12.72 -11.82 7.28
C CYS A 73 -14.10 -11.53 7.83
N LYS A 74 -14.40 -10.27 8.10
CA LYS A 74 -15.69 -9.95 8.70
C LYS A 74 -16.79 -9.79 7.67
N SER A 75 -16.42 -9.75 6.38
CA SER A 75 -17.36 -9.64 5.26
C SER A 75 -16.72 -10.02 3.91
N ASP A 76 -17.33 -10.92 3.15
CA ASP A 76 -16.78 -11.28 1.85
C ASP A 76 -17.39 -10.58 0.66
N ALA A 77 -18.05 -9.44 0.91
CA ALA A 77 -18.75 -8.71 -0.16
C ALA A 77 -17.78 -8.28 -1.26
N PRO A 78 -18.12 -8.52 -2.53
CA PRO A 78 -17.15 -8.11 -3.53
C PRO A 78 -16.97 -6.59 -3.53
N THR A 79 -15.75 -6.12 -3.80
CA THR A 79 -15.36 -4.69 -3.80
C THR A 79 -15.29 -4.02 -5.19
N GLY A 80 -15.18 -4.84 -6.24
CA GLY A 80 -14.97 -4.32 -7.60
C GLY A 80 -13.54 -3.87 -7.91
N ASP A 81 -12.54 -4.34 -7.17
CA ASP A 81 -11.15 -4.27 -7.60
C ASP A 81 -10.71 -5.72 -7.73
N VAL A 82 -10.30 -6.12 -8.93
CA VAL A 82 -10.02 -7.50 -9.16
C VAL A 82 -8.95 -8.09 -8.22
N LEU A 83 -7.95 -7.30 -7.80
CA LEU A 83 -6.94 -7.84 -6.89
C LEU A 83 -7.45 -7.84 -5.49
N LEU A 84 -8.18 -6.80 -5.13
CA LEU A 84 -8.71 -6.79 -3.81
C LEU A 84 -9.57 -8.02 -3.63
N ASP A 85 -10.34 -8.38 -4.66
CA ASP A 85 -11.19 -9.55 -4.59
C ASP A 85 -10.47 -10.89 -4.55
N GLU A 86 -9.44 -11.08 -5.37
CA GLU A 86 -8.55 -12.24 -5.23
C GLU A 86 -8.04 -12.42 -3.81
N ALA A 87 -7.46 -11.36 -3.24
CA ALA A 87 -6.95 -11.38 -1.89
C ALA A 87 -8.03 -11.67 -0.86
N LEU A 88 -9.21 -11.09 -1.01
CA LEU A 88 -10.25 -11.31 0.00
C LEU A 88 -10.78 -12.74 -0.09
N LYS A 89 -10.86 -13.26 -1.32
CA LYS A 89 -11.37 -14.61 -1.55
C LYS A 89 -10.48 -15.64 -0.89
N HIS A 90 -9.17 -15.39 -0.88
CA HIS A 90 -8.23 -16.23 -0.16
C HIS A 90 -8.36 -16.15 1.36
N VAL A 91 -8.54 -14.94 1.87
CA VAL A 91 -8.67 -14.73 3.31
C VAL A 91 -10.00 -15.26 3.82
N LYS A 92 -10.79 -15.84 2.93
CA LYS A 92 -12.09 -16.40 3.29
C LYS A 92 -12.05 -17.92 3.36
N GLU A 93 -11.26 -18.53 2.48
CA GLU A 93 -11.14 -19.98 2.43
C GLU A 93 -10.05 -20.46 3.39
N THR A 94 -8.95 -19.71 3.46
CA THR A 94 -7.84 -20.06 4.32
C THR A 94 -8.27 -20.15 5.78
N GLN A 95 -7.97 -21.28 6.41
CA GLN A 95 -8.34 -21.50 7.81
C GLN A 95 -7.61 -22.70 8.39
N PRO A 96 -7.35 -22.66 9.70
CA PRO A 96 -7.75 -21.51 10.52
C PRO A 96 -7.17 -20.20 9.99
N PRO A 97 -7.52 -19.08 10.63
CA PRO A 97 -7.03 -17.77 10.22
C PRO A 97 -5.53 -17.63 10.42
N GLU A 98 -4.92 -16.66 9.74
CA GLU A 98 -3.48 -16.43 9.85
C GLU A 98 -3.19 -14.99 10.26
N THR A 99 -1.97 -14.74 10.72
CA THR A 99 -1.56 -13.41 11.14
C THR A 99 -1.23 -12.46 9.97
N VAL A 100 -1.05 -11.18 10.28
CA VAL A 100 -0.75 -10.22 9.21
C VAL A 100 0.47 -10.57 8.36
N GLN A 101 1.66 -10.77 8.97
CA GLN A 101 2.87 -11.13 8.21
C GLN A 101 2.66 -12.36 7.35
N ASN A 102 1.94 -13.33 7.89
CA ASN A 102 1.72 -14.51 7.12
C ASN A 102 0.97 -14.26 5.82
N TRP A 103 0.02 -13.32 5.90
CA TRP A 103 -0.74 -12.92 4.74
C TRP A 103 0.12 -12.20 3.70
N ILE A 104 0.89 -11.23 4.17
CA ILE A 104 1.76 -10.51 3.29
C ILE A 104 2.65 -11.48 2.58
N GLU A 105 3.17 -12.51 3.29
CA GLU A 105 4.01 -13.54 2.64
C GLU A 105 3.22 -14.39 1.65
N LEU A 106 2.17 -15.02 2.16
CA LEU A 106 1.30 -15.81 1.34
C LEU A 106 1.00 -15.13 0.02
N LEU A 107 0.70 -13.85 0.07
CA LEU A 107 0.17 -13.15 -1.08
C LEU A 107 1.22 -12.72 -2.07
N SER A 108 2.48 -12.73 -1.64
CA SER A 108 3.58 -12.37 -2.53
C SER A 108 4.42 -13.57 -2.95
N GLY A 109 4.03 -14.74 -2.43
CA GLY A 109 4.58 -16.02 -2.83
C GLY A 109 5.92 -16.32 -2.21
N GLU A 110 6.14 -15.81 -1.00
CA GLU A 110 7.39 -16.00 -0.28
C GLU A 110 7.28 -17.28 0.54
N THR A 111 6.95 -18.37 -0.12
CA THR A 111 6.93 -19.69 0.49
C THR A 111 7.61 -20.72 -0.39
N TRP A 112 7.96 -21.85 0.19
CA TRP A 112 8.42 -22.98 -0.57
C TRP A 112 7.52 -24.18 -0.41
N ASN A 113 6.34 -23.97 0.14
CA ASN A 113 5.40 -25.02 0.43
C ASN A 113 4.40 -25.15 -0.70
N PRO A 114 4.29 -26.30 -1.37
CA PRO A 114 3.29 -26.39 -2.45
C PRO A 114 1.90 -25.95 -2.03
N LEU A 115 1.50 -26.18 -0.78
CA LEU A 115 0.14 -25.84 -0.35
C LEU A 115 -0.14 -24.34 -0.26
N LYS A 116 0.89 -23.58 0.03
CA LYS A 116 0.75 -22.17 0.07
C LYS A 116 0.90 -21.48 -1.30
N LEU A 117 1.27 -22.22 -2.35
CA LEU A 117 1.63 -21.53 -3.60
C LEU A 117 0.45 -20.86 -4.26
N HIS A 118 -0.71 -21.50 -4.20
CA HIS A 118 -1.85 -20.98 -4.94
C HIS A 118 -2.38 -19.68 -4.27
N TYR A 119 -1.81 -19.29 -3.14
CA TYR A 119 -2.13 -17.98 -2.54
C TYR A 119 -1.48 -16.75 -3.19
N GLN A 120 -0.48 -16.93 -4.04
CA GLN A 120 0.25 -15.80 -4.49
C GLN A 120 -0.50 -15.11 -5.62
N LEU A 121 -0.46 -13.78 -5.58
CA LEU A 121 -1.14 -12.97 -6.55
C LEU A 121 -0.17 -12.71 -7.68
N ARG A 122 -0.53 -13.09 -8.89
CA ARG A 122 0.38 -12.94 -10.02
C ARG A 122 -0.02 -11.76 -10.88
N ASN A 123 0.87 -11.29 -11.75
CA ASN A 123 0.56 -10.19 -12.66
C ASN A 123 0.08 -8.91 -11.99
N VAL A 124 0.64 -8.62 -10.82
CA VAL A 124 0.24 -7.46 -10.11
C VAL A 124 0.45 -6.24 -10.97
N ARG A 125 1.61 -6.11 -11.62
CA ARG A 125 1.91 -4.89 -12.38
C ARG A 125 0.95 -4.66 -13.55
N GLU A 126 0.75 -5.69 -14.37
CA GLU A 126 -0.24 -5.64 -15.44
C GLU A 126 -1.65 -5.25 -14.97
N ARG A 127 -2.14 -5.91 -13.93
CA ARG A 127 -3.50 -5.66 -13.47
C ARG A 127 -3.73 -4.28 -12.89
N LEU A 128 -2.75 -3.79 -12.13
CA LEU A 128 -2.79 -2.42 -11.68
C LEU A 128 -2.72 -1.48 -12.89
N ALA A 129 -1.86 -1.76 -13.85
CA ALA A 129 -1.74 -0.84 -14.94
C ALA A 129 -3.04 -0.83 -15.74
N LYS A 130 -3.68 -1.99 -15.85
CA LYS A 130 -4.98 -2.08 -16.49
C LYS A 130 -6.00 -1.26 -15.76
N ASN A 131 -6.05 -1.42 -14.44
CA ASN A 131 -6.90 -0.61 -13.61
C ASN A 131 -6.71 0.87 -13.86
N LEU A 132 -5.46 1.33 -13.89
CA LEU A 132 -5.20 2.75 -14.14
C LEU A 132 -5.55 3.21 -15.58
N VAL A 133 -5.47 2.30 -16.54
CA VAL A 133 -5.97 2.63 -17.85
C VAL A 133 -7.48 2.78 -17.80
N GLU A 134 -8.17 1.87 -17.12
CA GLU A 134 -9.63 1.99 -16.97
C GLU A 134 -10.04 3.31 -16.37
N LYS A 135 -9.27 3.77 -15.38
CA LYS A 135 -9.60 4.98 -14.64
C LYS A 135 -9.12 6.22 -15.37
N GLY A 136 -8.53 6.04 -16.55
CA GLY A 136 -8.04 7.18 -17.32
C GLY A 136 -6.76 7.84 -16.84
N VAL A 137 -5.96 7.14 -16.05
CA VAL A 137 -4.68 7.64 -15.56
C VAL A 137 -3.53 7.26 -16.48
N LEU A 138 -3.60 6.11 -17.15
CA LEU A 138 -2.57 5.79 -18.15
C LEU A 138 -3.16 5.57 -19.55
N THR A 139 -2.30 5.42 -20.55
CA THR A 139 -2.78 4.83 -21.78
C THR A 139 -1.95 3.66 -22.21
N THR A 140 -2.19 3.32 -23.46
CA THR A 140 -1.60 2.19 -24.04
C THR A 140 -0.86 2.70 -25.27
N GLU A 141 0.38 2.27 -25.39
CA GLU A 141 1.15 2.43 -26.60
C GLU A 141 1.81 1.09 -26.87
N LYS A 142 1.21 0.36 -27.79
CA LYS A 142 1.79 -0.82 -28.38
C LYS A 142 3.01 -0.29 -29.10
N GLN A 143 4.16 -0.86 -28.83
CA GLN A 143 5.34 -0.36 -29.50
C GLN A 143 6.22 -1.42 -30.06
N ASN A 144 6.85 -1.05 -31.18
CA ASN A 144 7.81 -1.87 -31.86
C ASN A 144 9.14 -1.26 -31.81
N PHE A 145 9.89 -1.51 -30.76
CA PHE A 145 11.23 -1.02 -30.73
C PHE A 145 12.10 -1.80 -31.66
N LEU A 146 13.11 -1.09 -32.16
CA LEU A 146 14.20 -1.68 -32.89
C LEU A 146 14.63 -3.05 -32.41
N LEU A 147 14.70 -3.26 -31.09
CA LEU A 147 15.19 -4.57 -30.57
C LEU A 147 14.22 -5.55 -29.90
N PHE A 148 12.97 -5.12 -29.65
CA PHE A 148 11.92 -5.94 -29.04
C PHE A 148 10.56 -5.21 -29.17
N ASP A 149 9.46 -5.97 -29.13
CA ASP A 149 8.12 -5.43 -29.00
C ASP A 149 7.81 -5.33 -27.54
N THR A 151 4.46 -3.34 -25.09
CA THR A 151 3.28 -2.50 -24.92
C THR A 151 3.39 -1.74 -23.60
N THR A 152 3.41 -0.42 -23.65
CA THR A 152 3.66 0.37 -22.47
C THR A 152 2.46 1.17 -22.03
N HIS A 153 2.53 1.76 -20.84
CA HIS A 153 1.44 2.55 -20.36
C HIS A 153 1.85 3.92 -19.85
N PRO A 154 2.08 4.88 -20.77
CA PRO A 154 2.57 6.15 -20.30
C PRO A 154 1.53 6.85 -19.46
N LEU A 155 1.99 7.74 -18.59
CA LEU A 155 1.09 8.61 -17.85
C LEU A 155 0.42 9.62 -18.80
N THR A 156 -0.89 9.60 -18.91
CA THR A 156 -1.59 10.67 -19.61
C THR A 156 -2.23 11.66 -18.66
N ASN A 157 -2.75 11.20 -17.53
CA ASN A 157 -3.40 12.16 -16.65
C ASN A 157 -2.47 12.86 -15.66
N ASN A 158 -1.82 13.91 -16.14
CA ASN A 158 -0.79 14.58 -15.36
C ASN A 158 -1.29 15.27 -14.10
N ASN A 159 -2.55 15.69 -14.12
CA ASN A 159 -3.06 16.37 -12.95
C ASN A 159 -3.18 15.46 -11.73
N ILE A 160 -3.78 14.29 -11.91
CA ILE A 160 -3.95 13.42 -10.77
C ILE A 160 -2.60 13.06 -10.13
N LYS A 161 -1.55 12.90 -10.93
CA LYS A 161 -0.26 12.58 -10.37
C LYS A 161 0.23 13.71 -9.53
N GLN A 162 0.15 14.93 -10.06
CA GLN A 162 0.59 16.14 -9.35
C GLN A 162 -0.25 16.33 -8.07
N ARG A 163 -1.56 16.19 -8.17
CA ARG A 163 -2.42 16.21 -7.00
C ARG A 163 -1.98 15.21 -5.97
N LEU A 164 -1.61 14.01 -6.39
CA LEU A 164 -1.16 13.00 -5.44
C LEU A 164 0.14 13.46 -4.81
N ILE A 165 1.07 13.95 -5.60
CA ILE A 165 2.31 14.34 -4.99
C ILE A 165 2.12 15.45 -3.95
N LYS A 166 1.25 16.41 -4.26
CA LYS A 166 1.03 17.56 -3.38
C LYS A 166 0.37 17.11 -2.08
N LYS A 167 -0.55 16.18 -2.23
CA LYS A 167 -1.31 15.65 -1.16
C LYS A 167 -0.34 15.11 -0.10
N VAL A 168 0.69 14.38 -0.54
CA VAL A 168 1.60 13.70 0.38
C VAL A 168 2.55 14.73 0.98
N GLN A 169 3.07 15.59 0.09
CA GLN A 169 3.91 16.69 0.48
C GLN A 169 3.23 17.48 1.56
N GLU A 170 2.00 17.94 1.30
CA GLU A 170 1.33 18.81 2.24
C GLU A 170 1.03 18.19 3.57
N ALA A 171 0.91 16.88 3.64
CA ALA A 171 0.48 16.25 4.88
C ALA A 171 1.57 16.31 5.91
N VAL A 172 2.82 16.43 5.48
CA VAL A 172 3.92 16.53 6.42
C VAL A 172 4.57 17.92 6.44
N LEU A 173 3.97 18.86 5.73
CA LEU A 173 4.42 20.26 5.74
C LEU A 173 3.30 21.14 6.26
N ASP A 174 2.73 21.98 5.41
CA ASP A 174 1.77 23.00 5.87
C ASP A 174 0.56 22.45 6.63
N LYS A 175 0.00 21.32 6.18
CA LYS A 175 -1.17 20.71 6.86
C LYS A 175 -0.76 19.90 8.08
N TRP A 176 0.54 19.82 8.33
CA TRP A 176 1.02 19.05 9.45
C TRP A 176 0.45 19.56 10.77
N VAL A 177 0.07 18.61 11.62
CA VAL A 177 -0.32 18.91 13.00
C VAL A 177 0.37 17.88 13.88
N ASN A 178 0.82 18.29 15.07
CA ASN A 178 1.65 17.41 15.91
C ASN A 178 1.05 16.03 16.15
N ASP A 179 -0.28 15.94 16.01
CA ASP A 179 -1.05 14.75 16.30
C ASP A 179 -1.48 13.90 15.05
N PRO A 180 -1.02 12.63 14.98
CA PRO A 180 -1.22 11.70 13.85
C PRO A 180 -2.65 11.18 13.62
N HIS A 181 -3.36 10.83 14.69
CA HIS A 181 -4.75 10.38 14.54
C HIS A 181 -5.73 11.49 14.17
N ARG A 182 -5.27 12.74 14.12
CA ARG A 182 -6.14 13.86 13.71
C ARG A 182 -6.19 13.90 12.20
N ASP A 184 -6.37 12.07 8.33
CA ASP A 184 -7.06 11.08 7.54
C ASP A 184 -6.26 9.78 7.39
N ARG A 185 -6.89 8.67 7.77
CA ARG A 185 -6.24 7.35 7.81
C ARG A 185 -5.68 6.83 6.53
N ARG A 186 -6.48 6.97 5.47
CA ARG A 186 -6.07 6.64 4.14
C ARG A 186 -4.72 7.32 3.79
N LEU A 187 -4.54 8.55 4.26
CA LEU A 187 -3.32 9.28 4.03
C LEU A 187 -2.18 8.83 4.94
N LEU A 188 -2.49 8.44 6.16
CA LEU A 188 -1.44 8.04 7.06
C LEU A 188 -0.91 6.71 6.56
N ALA A 189 -1.79 5.78 6.23
CA ALA A 189 -1.38 4.49 5.72
C ALA A 189 -0.65 4.68 4.44
N LEU A 190 -1.05 5.69 3.65
CA LEU A 190 -0.37 5.98 2.42
C LEU A 190 1.08 6.36 2.72
N ILE A 191 1.32 7.22 3.70
CA ILE A 191 2.69 7.59 4.01
C ILE A 191 3.50 6.37 4.44
N TYR A 192 2.98 5.61 5.40
CA TYR A 192 3.73 4.45 5.85
C TYR A 192 4.09 3.49 4.71
N LEU A 193 3.14 3.18 3.83
CA LEU A 193 3.39 2.17 2.81
C LEU A 193 4.35 2.67 1.78
N ALA A 194 4.15 3.91 1.32
CA ALA A 194 5.06 4.56 0.37
C ALA A 194 6.49 4.49 0.90
N HIS A 195 6.65 4.73 2.18
CA HIS A 195 7.95 4.52 2.78
C HIS A 195 8.40 3.04 2.74
N ALA A 196 7.59 2.14 3.28
CA ALA A 196 7.91 0.72 3.25
C ALA A 196 8.24 0.23 1.83
N SER A 197 7.62 0.84 0.82
CA SER A 197 7.80 0.44 -0.58
C SER A 197 8.91 1.22 -1.20
N ASP A 198 9.34 2.23 -0.47
CA ASP A 198 10.50 2.98 -0.87
C ASP A 198 10.24 3.97 -1.97
N VAL A 199 8.99 4.16 -2.33
CA VAL A 199 8.63 5.18 -3.32
C VAL A 199 8.37 6.55 -2.70
N LEU A 200 8.37 6.65 -1.37
CA LEU A 200 7.99 7.90 -0.72
C LEU A 200 8.97 8.95 -1.02
N GLU A 201 10.24 8.59 -1.00
CA GLU A 201 11.26 9.57 -1.16
C GLU A 201 11.01 10.40 -2.42
N ASN A 202 10.32 9.85 -3.41
CA ASN A 202 9.94 10.58 -4.64
C ASN A 202 9.05 11.80 -4.44
N ALA A 203 8.22 11.76 -3.41
CA ALA A 203 7.35 12.86 -3.13
C ALA A 203 8.18 14.01 -2.62
N PHE A 204 9.34 13.70 -2.03
CA PHE A 204 10.15 14.72 -1.38
C PHE A 204 11.30 15.31 -2.17
N ALA A 205 11.80 14.61 -3.19
CA ALA A 205 12.94 15.15 -3.97
C ALA A 205 12.66 16.48 -4.67
N PRO A 206 11.42 16.72 -5.13
CA PRO A 206 11.21 18.03 -5.76
C PRO A 206 11.31 19.22 -4.80
N LEU A 207 11.34 18.93 -3.48
CA LEU A 207 11.28 19.94 -2.44
C LEU A 207 12.55 20.81 -2.26
N LEU A 208 12.36 21.99 -1.71
CA LEU A 208 13.49 22.80 -1.24
C LEU A 208 14.16 22.16 -0.04
N ASP A 209 15.48 22.31 0.01
CA ASP A 209 16.28 21.81 1.13
C ASP A 209 15.55 21.85 2.49
N GLU A 210 15.01 23.00 2.85
CA GLU A 210 14.50 23.19 4.20
C GLU A 210 13.24 22.36 4.47
N GLN A 211 12.34 22.37 3.49
CA GLN A 211 11.14 21.51 3.48
C GLN A 211 11.55 20.06 3.45
N TYR A 212 12.54 19.74 2.61
CA TYR A 212 13.02 18.38 2.57
C TYR A 212 13.36 17.86 3.97
N ASP A 213 14.21 18.56 4.74
CA ASP A 213 14.59 18.12 6.10
C ASP A 213 13.38 18.00 6.99
N LEU A 214 12.52 19.00 6.90
CA LEU A 214 11.39 19.11 7.77
C LEU A 214 10.46 17.91 7.62
N ALA A 215 10.00 17.71 6.38
CA ALA A 215 9.23 16.52 5.99
C ALA A 215 9.85 15.26 6.57
N THR A 216 11.11 15.01 6.18
CA THR A 216 11.92 13.92 6.72
C THR A 216 11.87 13.78 8.26
N LYS A 217 12.21 14.85 9.01
CA LYS A 217 12.03 14.84 10.47
C LYS A 217 10.64 14.29 10.82
N ARG A 218 9.60 14.89 10.22
CA ARG A 218 8.23 14.53 10.53
C ARG A 218 7.88 13.07 10.20
N VAL A 219 8.36 12.61 9.05
CA VAL A 219 8.19 11.22 8.72
C VAL A 219 8.93 10.38 9.76
N ARG A 220 10.21 10.64 9.99
CA ARG A 220 10.92 9.78 10.91
C ARG A 220 10.18 9.75 12.25
N GLN A 221 9.63 10.88 12.63
CA GLN A 221 8.83 10.95 13.84
C GLN A 221 7.63 9.99 13.83
N LEU A 222 6.83 10.05 12.77
CA LEU A 222 5.78 9.05 12.48
C LEU A 222 6.26 7.60 12.48
N LEU A 223 7.51 7.37 12.07
CA LEU A 223 8.06 6.02 12.12
C LEU A 223 8.44 5.60 13.52
N ASP A 224 8.65 6.57 14.40
CA ASP A 224 9.08 6.28 15.75
C ASP A 224 7.90 5.94 16.65
N LEU A 225 6.67 6.25 16.22
CA LEU A 225 5.47 5.87 16.98
C LEU A 225 5.47 4.38 17.30
N ASP A 226 4.71 4.00 18.32
CA ASP A 226 4.58 2.60 18.62
C ASP A 226 3.16 2.12 18.33
N PRO A 227 3.03 1.23 17.33
CA PRO A 227 1.73 0.71 16.90
C PRO A 227 0.95 0.04 18.05
N GLU A 228 1.66 -0.54 19.01
CA GLU A 228 1.03 -1.17 20.17
C GLU A 228 0.34 -0.14 21.04
N VAL A 229 1.03 0.99 21.24
CA VAL A 229 0.47 2.14 21.95
C VAL A 229 -0.65 2.70 21.08
N GLU A 230 -0.37 2.83 19.78
CA GLU A 230 -1.19 3.68 18.91
C GLU A 230 -2.49 3.03 18.47
N CYS A 231 -2.53 1.70 18.41
CA CYS A 231 -3.76 1.03 18.00
C CYS A 231 -4.81 1.02 19.12
N LEU A 232 -4.57 1.83 20.16
CA LEU A 232 -5.48 1.92 21.30
C LEU A 232 -6.47 3.08 21.21
N LYS A 233 -6.09 4.16 20.52
CA LYS A 233 -7.03 5.29 20.29
C LYS A 233 -8.36 4.73 19.75
N ALA A 234 -9.47 5.21 20.30
CA ALA A 234 -10.81 4.69 19.89
C ALA A 234 -11.14 5.23 18.51
N ASN A 235 -11.75 4.37 17.68
CA ASN A 235 -11.95 4.64 16.23
C ASN A 235 -10.62 4.77 15.41
N THR A 236 -9.83 3.68 15.39
CA THR A 236 -8.80 3.52 14.36
C THR A 236 -8.87 2.11 13.86
N ASN A 237 -8.10 1.87 12.81
CA ASN A 237 -8.03 0.56 12.29
C ASN A 237 -6.85 -0.22 12.87
N GLU A 238 -7.16 -1.29 13.60
CA GLU A 238 -6.10 -2.13 14.16
C GLU A 238 -5.26 -2.79 13.05
N VAL A 239 -5.90 -3.27 11.98
CA VAL A 239 -5.18 -3.95 10.90
C VAL A 239 -4.13 -3.05 10.28
N LEU A 240 -4.46 -1.77 10.19
CA LEU A 240 -3.52 -0.76 9.68
C LEU A 240 -2.21 -0.79 10.47
N TRP A 241 -2.31 -0.79 11.80
CA TRP A 241 -1.10 -0.73 12.64
C TRP A 241 -0.41 -2.07 12.68
N ALA A 242 -1.16 -3.14 12.53
CA ALA A 242 -0.53 -4.41 12.38
C ALA A 242 0.35 -4.31 11.13
N VAL A 243 -0.20 -3.79 10.03
CA VAL A 243 0.52 -3.75 8.78
C VAL A 243 1.72 -2.82 8.94
N VAL A 244 1.57 -1.79 9.74
CA VAL A 244 2.69 -0.91 10.01
C VAL A 244 3.75 -1.60 10.83
N ALA A 245 3.31 -2.36 11.84
CA ALA A 245 4.21 -3.17 12.62
C ALA A 245 5.06 -4.07 11.71
N ALA A 246 4.38 -4.84 10.87
CA ALA A 246 5.00 -5.80 9.95
C ALA A 246 6.12 -5.25 9.04
N PHE A 247 6.12 -3.93 8.80
CA PHE A 247 7.10 -3.30 7.92
C PHE A 247 8.04 -2.38 8.70
N THR A 248 8.15 -2.60 10.04
CA THR A 248 8.99 -1.80 10.98
C THR A 248 9.92 -2.69 11.82
#